data_3WP1
#
_entry.id   3WP1
#
_cell.length_a   161.518
_cell.length_b   161.518
_cell.length_c   45.032
_cell.angle_alpha   90.00
_cell.angle_beta   90.00
_cell.angle_gamma   120.00
#
_symmetry.space_group_name_H-M   'P 63 2 2'
#
loop_
_entity.id
_entity.type
_entity.pdbx_description
1 polymer 'Disks large homolog 4'
2 polymer 'Lethal(2) giant larvae protein homolog 2'
3 non-polymer 'SULFATE ION'
4 water water
#
loop_
_entity_poly.entity_id
_entity_poly.type
_entity_poly.pdbx_seq_one_letter_code
_entity_poly.pdbx_strand_id
1 'polypeptide(L)'
;GPGSVHYARPIIILGPTKDRANDDLLSEFPDKFGSCVPHTTRPKREYEIDGRDYHFVSSREKMEKDIQAHKFIEAGQYNS
HLYGTSVQSVREVAEQGKHCILDVSANAVRRLQAAHLHPIAIFIRPRSLENVLEINKRITEEQARKAFDRATKLEQEFTE
CFSAIVEGDSFEEIYHKVKRVIEDLSG
;
B
2 'polypeptide(L)' LKKSLRQ(SEP)FRRMRRSRV A
#
loop_
_chem_comp.id
_chem_comp.type
_chem_comp.name
_chem_comp.formula
SO4 non-polymer 'SULFATE ION' 'O4 S -2'
#
# COMPACT_ATOMS: atom_id res chain seq x y z
N TYR A 7 -17.98 8.33 2.66
CA TYR A 7 -16.89 7.67 1.94
C TYR A 7 -15.50 8.20 2.35
N ALA A 8 -14.54 7.29 2.51
CA ALA A 8 -13.21 7.65 3.01
C ALA A 8 -12.12 7.38 1.99
N ARG A 9 -11.23 8.34 1.78
CA ARG A 9 -10.18 8.21 0.78
C ARG A 9 -9.16 7.11 1.15
N PRO A 10 -8.77 6.30 0.16
CA PRO A 10 -7.74 5.29 0.36
C PRO A 10 -6.40 5.97 0.56
N ILE A 11 -5.52 5.36 1.33
CA ILE A 11 -4.21 5.91 1.63
C ILE A 11 -3.17 5.13 0.86
N ILE A 12 -2.16 5.82 0.33
CA ILE A 12 -0.95 5.17 -0.14
C ILE A 12 0.25 5.91 0.42
N ILE A 13 1.06 5.21 1.20
CA ILE A 13 2.27 5.81 1.69
C ILE A 13 3.42 5.23 0.92
N LEU A 14 4.28 6.11 0.40
CA LEU A 14 5.44 5.68 -0.36
C LEU A 14 6.70 6.24 0.30
N GLY A 15 7.85 5.68 -0.06
CA GLY A 15 9.09 6.13 0.51
C GLY A 15 9.47 5.23 1.66
N PRO A 16 10.64 5.48 2.25
CA PRO A 16 11.09 4.72 3.42
C PRO A 16 10.06 4.75 4.53
N THR A 17 9.90 3.63 5.23
CA THR A 17 9.04 3.54 6.42
C THR A 17 7.56 3.30 6.12
N LYS A 18 7.23 3.21 4.83
CA LYS A 18 5.84 3.03 4.47
C LYS A 18 5.21 1.87 5.25
N ASP A 19 5.83 0.70 5.16
CA ASP A 19 5.36 -0.49 5.86
C ASP A 19 5.10 -0.25 7.35
N ARG A 20 6.09 0.32 8.06
CA ARG A 20 5.90 0.60 9.48
C ARG A 20 4.74 1.55 9.71
N ALA A 21 4.71 2.62 8.93
CA ALA A 21 3.63 3.58 9.02
C ALA A 21 2.29 2.90 8.82
N ASN A 22 2.22 2.06 7.78
CA ASN A 22 0.97 1.37 7.46
C ASN A 22 0.51 0.47 8.59
N ASP A 23 1.40 -0.37 9.09
CA ASP A 23 1.04 -1.31 10.15
C ASP A 23 0.63 -0.59 11.44
N ASP A 24 1.31 0.52 11.70
CA ASP A 24 1.07 1.28 12.90
C ASP A 24 -0.33 1.82 12.85
N LEU A 25 -0.63 2.50 11.74
CA LEU A 25 -1.96 3.05 11.50
C LEU A 25 -3.06 2.02 11.67
N LEU A 26 -2.87 0.87 11.02
CA LEU A 26 -3.83 -0.22 11.08
C LEU A 26 -4.14 -0.66 12.49
N SER A 27 -3.09 -0.95 13.25
CA SER A 27 -3.22 -1.39 14.62
C SER A 27 -3.71 -0.24 15.51
N GLU A 28 -3.12 0.94 15.36
CA GLU A 28 -3.38 2.04 16.29
C GLU A 28 -4.79 2.62 16.16
N PHE A 29 -5.33 2.60 14.94
CA PHE A 29 -6.69 3.08 14.74
C PHE A 29 -7.48 2.17 13.83
N PRO A 30 -7.76 0.94 14.29
CA PRO A 30 -8.44 -0.04 13.45
C PRO A 30 -9.89 0.35 13.09
N ASP A 31 -10.49 1.25 13.85
CA ASP A 31 -11.83 1.72 13.47
C ASP A 31 -11.75 2.79 12.39
N LYS A 32 -10.63 3.50 12.32
CA LYS A 32 -10.37 4.45 11.24
C LYS A 32 -9.77 3.85 9.96
N PHE A 33 -8.98 2.79 10.10
CA PHE A 33 -8.23 2.23 8.97
C PHE A 33 -8.47 0.77 8.72
N GLY A 34 -8.40 0.39 7.45
CA GLY A 34 -8.53 -1.00 7.08
C GLY A 34 -7.68 -1.41 5.91
N SER A 35 -7.55 -2.72 5.72
CA SER A 35 -6.87 -3.26 4.55
C SER A 35 -7.93 -3.88 3.67
N CYS A 36 -7.74 -3.82 2.37
CA CYS A 36 -8.63 -4.53 1.47
C CYS A 36 -8.24 -6.01 1.32
N VAL A 37 -9.20 -6.82 0.93
CA VAL A 37 -9.00 -8.24 0.64
C VAL A 37 -8.39 -8.42 -0.76
N PRO A 38 -7.16 -8.95 -0.84
CA PRO A 38 -6.52 -9.21 -2.14
C PRO A 38 -7.05 -10.48 -2.83
N HIS A 39 -6.81 -10.59 -4.12
CA HIS A 39 -7.30 -11.72 -4.89
C HIS A 39 -6.13 -12.62 -5.16
N THR A 40 -6.37 -13.92 -5.19
CA THR A 40 -5.31 -14.83 -5.54
C THR A 40 -5.89 -15.97 -6.37
N THR A 41 -5.07 -16.54 -7.25
CA THR A 41 -5.46 -17.74 -7.96
C THR A 41 -4.98 -18.98 -7.23
N ARG A 42 -4.13 -18.81 -6.22
CA ARG A 42 -3.70 -19.95 -5.42
C ARG A 42 -4.92 -20.63 -4.82
N PRO A 43 -4.99 -21.97 -4.95
CA PRO A 43 -6.12 -22.69 -4.34
C PRO A 43 -6.16 -22.51 -2.83
N LYS A 44 -7.37 -22.23 -2.36
CA LYS A 44 -7.69 -21.96 -0.95
C LYS A 44 -7.32 -23.15 -0.07
N ARG A 45 -6.57 -22.86 0.99
CA ARG A 45 -6.32 -23.85 2.03
C ARG A 45 -7.62 -24.08 2.79
N GLU A 46 -7.76 -25.26 3.36
CA GLU A 46 -9.03 -25.63 3.95
C GLU A 46 -9.47 -24.66 5.06
N TYR A 47 -8.53 -24.19 5.88
CA TYR A 47 -8.89 -23.36 7.03
C TYR A 47 -9.12 -21.90 6.65
N GLU A 48 -8.85 -21.57 5.39
CA GLU A 48 -8.97 -20.19 4.92
C GLU A 48 -10.40 -19.83 4.61
N ILE A 49 -10.73 -18.56 4.73
CA ILE A 49 -12.09 -18.07 4.44
C ILE A 49 -12.15 -17.15 3.24
N ASP A 50 -12.86 -17.57 2.21
CA ASP A 50 -13.01 -16.77 1.01
C ASP A 50 -13.74 -15.47 1.34
N GLY A 51 -13.10 -14.36 1.00
CA GLY A 51 -13.68 -13.06 1.24
C GLY A 51 -13.13 -12.38 2.48
N ARG A 52 -12.38 -13.10 3.29
CA ARG A 52 -11.76 -12.51 4.48
C ARG A 52 -10.22 -12.52 4.35
N ASP A 53 -9.66 -13.72 4.24
CA ASP A 53 -8.24 -13.90 4.02
C ASP A 53 -7.80 -13.44 2.64
N TYR A 54 -8.45 -13.98 1.61
CA TYR A 54 -8.24 -13.57 0.23
C TYR A 54 -9.56 -13.77 -0.49
N HIS A 55 -9.66 -13.18 -1.68
CA HIS A 55 -10.68 -13.60 -2.65
C HIS A 55 -10.00 -14.62 -3.53
N PHE A 56 -10.58 -15.82 -3.56
CA PHE A 56 -9.95 -16.93 -4.25
C PHE A 56 -10.56 -17.13 -5.63
N VAL A 57 -9.75 -16.91 -6.66
CA VAL A 57 -10.22 -17.05 -8.03
C VAL A 57 -10.05 -18.49 -8.53
N SER A 58 -11.12 -19.03 -9.10
CA SER A 58 -11.12 -20.38 -9.68
C SER A 58 -10.08 -20.56 -10.78
N SER A 59 -9.84 -19.51 -11.55
CA SER A 59 -9.15 -19.68 -12.81
C SER A 59 -8.14 -18.57 -13.06
N ARG A 60 -6.91 -18.98 -13.31
CA ARG A 60 -5.90 -18.02 -13.69
C ARG A 60 -6.28 -17.25 -14.98
N GLU A 61 -6.84 -17.96 -15.97
CA GLU A 61 -7.34 -17.29 -17.18
C GLU A 61 -8.42 -16.26 -16.83
N LYS A 62 -9.24 -16.59 -15.83
CA LYS A 62 -10.31 -15.72 -15.34
C LYS A 62 -9.69 -14.41 -14.89
N MET A 63 -8.77 -14.50 -13.93
CA MET A 63 -8.17 -13.30 -13.37
C MET A 63 -7.30 -12.51 -14.34
N GLU A 64 -6.64 -13.20 -15.26
CA GLU A 64 -5.85 -12.51 -16.28
C GLU A 64 -6.75 -11.61 -17.11
N LYS A 65 -7.99 -12.05 -17.28
CA LYS A 65 -8.98 -11.33 -18.06
C LYS A 65 -9.35 -10.03 -17.35
N ASP A 66 -9.59 -10.12 -16.05
CA ASP A 66 -10.00 -8.96 -15.28
C ASP A 66 -8.89 -7.94 -15.22
N ILE A 67 -7.66 -8.43 -15.07
CA ILE A 67 -6.49 -7.56 -15.13
C ILE A 67 -6.46 -6.86 -16.48
N GLN A 68 -6.64 -7.66 -17.54
CA GLN A 68 -6.80 -7.15 -18.88
C GLN A 68 -7.93 -6.11 -18.89
N ALA A 69 -9.07 -6.50 -18.29
CA ALA A 69 -10.27 -5.66 -18.23
C ALA A 69 -10.16 -4.46 -17.29
N HIS A 70 -9.01 -4.32 -16.63
CA HIS A 70 -8.70 -3.11 -15.83
C HIS A 70 -9.30 -3.10 -14.42
N LYS A 71 -9.97 -4.19 -14.05
CA LYS A 71 -10.62 -4.32 -12.73
C LYS A 71 -9.69 -4.27 -11.52
N PHE A 72 -8.37 -4.41 -11.77
CA PHE A 72 -7.35 -4.37 -10.71
C PHE A 72 -6.46 -3.14 -10.78
N ILE A 73 -6.18 -2.55 -9.63
CA ILE A 73 -5.18 -1.47 -9.56
C ILE A 73 -3.73 -1.96 -9.42
N GLU A 74 -3.54 -3.17 -8.95
CA GLU A 74 -2.22 -3.77 -8.83
C GLU A 74 -2.32 -5.27 -8.98
N ALA A 75 -1.35 -5.89 -9.66
CA ALA A 75 -1.25 -7.34 -9.74
C ALA A 75 0.17 -7.78 -9.99
N GLY A 76 0.48 -9.00 -9.58
CA GLY A 76 1.77 -9.58 -9.85
C GLY A 76 1.71 -11.07 -9.63
N GLN A 77 2.81 -11.75 -9.90
CA GLN A 77 2.87 -13.18 -9.69
C GLN A 77 3.77 -13.52 -8.51
N TYR A 78 3.34 -14.47 -7.71
CA TYR A 78 4.18 -14.96 -6.63
C TYR A 78 3.94 -16.43 -6.49
N ASN A 79 5.03 -17.18 -6.36
CA ASN A 79 4.95 -18.62 -6.22
C ASN A 79 4.11 -19.22 -7.34
N SER A 80 4.23 -18.62 -8.52
CA SER A 80 3.53 -19.02 -9.74
C SER A 80 2.04 -18.66 -9.79
N HIS A 81 1.49 -18.09 -8.71
CA HIS A 81 0.09 -17.65 -8.72
C HIS A 81 -0.07 -16.15 -8.87
N LEU A 82 -1.16 -15.73 -9.50
CA LEU A 82 -1.52 -14.31 -9.48
C LEU A 82 -2.02 -13.86 -8.11
N TYR A 83 -1.84 -12.56 -7.86
CA TYR A 83 -2.31 -11.89 -6.65
C TYR A 83 -2.51 -10.47 -7.11
N GLY A 84 -3.40 -9.74 -6.46
CA GLY A 84 -3.69 -8.40 -6.90
C GLY A 84 -4.68 -7.69 -6.03
N THR A 85 -4.81 -6.37 -6.23
CA THR A 85 -5.82 -5.62 -5.51
C THR A 85 -6.90 -5.08 -6.47
N SER A 86 -8.12 -5.54 -6.28
CA SER A 86 -9.16 -5.17 -7.20
C SER A 86 -9.65 -3.79 -6.82
N VAL A 87 -10.19 -3.09 -7.81
CA VAL A 87 -10.80 -1.79 -7.56
C VAL A 87 -11.97 -1.97 -6.62
N GLN A 88 -12.74 -3.02 -6.87
CA GLN A 88 -13.92 -3.30 -6.07
C GLN A 88 -13.59 -3.57 -4.59
N SER A 89 -12.53 -4.33 -4.30
CA SER A 89 -12.23 -4.60 -2.90
C SER A 89 -11.73 -3.35 -2.14
N VAL A 90 -11.10 -2.43 -2.87
CA VAL A 90 -10.78 -1.12 -2.29
C VAL A 90 -12.04 -0.31 -2.06
N ARG A 91 -12.95 -0.35 -3.03
CA ARG A 91 -14.17 0.43 -2.90
C ARG A 91 -15.03 -0.07 -1.73
N GLU A 92 -14.92 -1.33 -1.39
CA GLU A 92 -15.72 -1.85 -0.29
C GLU A 92 -15.26 -1.30 1.06
N VAL A 93 -13.96 -1.30 1.28
CA VAL A 93 -13.37 -0.69 2.46
C VAL A 93 -13.74 0.79 2.56
N ALA A 94 -13.56 1.50 1.46
CA ALA A 94 -13.71 2.95 1.45
C ALA A 94 -15.18 3.32 1.66
N GLU A 95 -16.07 2.51 1.11
CA GLU A 95 -17.51 2.65 1.34
C GLU A 95 -17.92 2.10 2.70
N GLN A 96 -16.98 1.54 3.45
CA GLN A 96 -17.21 1.14 4.84
C GLN A 96 -16.93 2.31 5.78
N GLY A 97 -16.65 3.47 5.21
CA GLY A 97 -16.24 4.63 5.98
C GLY A 97 -14.82 4.52 6.51
N LYS A 98 -14.05 3.56 5.98
CA LYS A 98 -12.70 3.35 6.46
C LYS A 98 -11.66 3.73 5.41
N HIS A 99 -10.52 4.22 5.86
CA HIS A 99 -9.43 4.56 4.96
C HIS A 99 -8.70 3.29 4.60
N CYS A 100 -8.57 3.04 3.31
CA CYS A 100 -7.95 1.80 2.89
C CYS A 100 -6.43 1.93 2.79
N ILE A 101 -5.73 1.18 3.63
CA ILE A 101 -4.28 1.22 3.63
C ILE A 101 -3.78 0.35 2.49
N LEU A 102 -3.08 0.96 1.55
CA LEU A 102 -2.62 0.21 0.38
C LEU A 102 -1.12 0.02 0.32
N ASP A 103 -0.71 -1.20 0.02
CA ASP A 103 0.66 -1.44 -0.36
C ASP A 103 0.62 -1.57 -1.88
N VAL A 104 1.05 -0.51 -2.56
CA VAL A 104 1.03 -0.45 -4.01
C VAL A 104 2.11 0.50 -4.54
N SER A 105 2.48 0.33 -5.80
CA SER A 105 3.46 1.18 -6.46
C SER A 105 2.82 2.51 -6.75
N ALA A 106 3.65 3.50 -7.06
CA ALA A 106 3.15 4.81 -7.43
C ALA A 106 2.36 4.75 -8.73
N ASN A 107 2.62 3.72 -9.54
CA ASN A 107 1.85 3.49 -10.76
C ASN A 107 0.37 3.29 -10.46
N ALA A 108 0.09 2.71 -9.29
CA ALA A 108 -1.28 2.46 -8.88
C ALA A 108 -2.11 3.74 -8.70
N VAL A 109 -1.46 4.84 -8.33
CA VAL A 109 -2.19 6.09 -8.09
C VAL A 109 -2.90 6.63 -9.34
N ARG A 110 -2.20 6.68 -10.46
CA ARG A 110 -2.88 7.06 -11.69
C ARG A 110 -4.10 6.14 -11.85
N ARG A 111 -3.93 4.86 -11.53
CA ARG A 111 -5.03 3.91 -11.67
C ARG A 111 -6.18 4.18 -10.71
N LEU A 112 -5.85 4.64 -9.51
CA LEU A 112 -6.85 5.01 -8.51
C LEU A 112 -7.58 6.30 -8.86
N GLN A 113 -6.82 7.31 -9.27
CA GLN A 113 -7.41 8.53 -9.77
C GLN A 113 -8.39 8.13 -10.86
N ALA A 114 -7.90 7.38 -11.82
CA ALA A 114 -8.69 6.97 -12.97
C ALA A 114 -9.97 6.23 -12.57
N ALA A 115 -9.96 5.62 -11.40
CA ALA A 115 -11.10 4.82 -10.96
C ALA A 115 -12.07 5.69 -10.16
N HIS A 116 -11.74 6.98 -10.07
CA HIS A 116 -12.56 7.95 -9.34
C HIS A 116 -12.40 7.83 -7.83
N LEU A 117 -11.48 6.99 -7.39
CA LEU A 117 -11.31 6.70 -5.98
C LEU A 117 -10.40 7.66 -5.23
N HIS A 118 -9.93 8.72 -5.89
CA HIS A 118 -9.36 9.88 -5.20
C HIS A 118 -8.45 9.53 -3.99
N PRO A 119 -7.30 8.91 -4.23
CA PRO A 119 -6.45 8.48 -3.10
C PRO A 119 -5.78 9.63 -2.33
N ILE A 120 -5.28 9.33 -1.15
CA ILE A 120 -4.41 10.25 -0.42
C ILE A 120 -3.00 9.67 -0.47
N ALA A 121 -2.15 10.30 -1.27
CA ALA A 121 -0.82 9.73 -1.55
C ALA A 121 0.29 10.51 -0.87
N ILE A 122 0.99 9.84 0.04
CA ILE A 122 1.97 10.55 0.87
C ILE A 122 3.38 10.05 0.68
N PHE A 123 4.26 10.93 0.22
CA PHE A 123 5.64 10.55 0.03
C PHE A 123 6.50 10.95 1.22
N ILE A 124 7.34 10.03 1.65
CA ILE A 124 8.24 10.30 2.77
C ILE A 124 9.64 10.56 2.20
N ARG A 125 10.07 11.81 2.30
CA ARG A 125 11.26 12.28 1.60
C ARG A 125 12.44 12.34 2.53
N PRO A 126 13.44 11.47 2.30
CA PRO A 126 14.68 11.54 3.09
C PRO A 126 15.49 12.72 2.64
N ARG A 127 16.13 13.39 3.60
CA ARG A 127 16.91 14.58 3.30
C ARG A 127 18.30 14.19 2.79
N SER A 128 18.86 13.15 3.40
CA SER A 128 20.17 12.66 3.05
C SER A 128 20.21 11.15 3.22
N LEU A 129 21.27 10.54 2.73
CA LEU A 129 21.53 9.14 3.01
C LEU A 129 21.46 8.93 4.53
N GLU A 130 22.26 9.72 5.25
CA GLU A 130 22.34 9.67 6.70
C GLU A 130 20.97 9.83 7.35
N ASN A 131 20.15 10.72 6.78
CA ASN A 131 18.81 10.95 7.30
C ASN A 131 17.97 9.67 7.30
N VAL A 132 18.10 8.90 6.23
CA VAL A 132 17.42 7.62 6.14
C VAL A 132 17.76 6.74 7.34
N LEU A 133 19.05 6.66 7.66
CA LEU A 133 19.47 5.88 8.82
C LEU A 133 18.91 6.42 10.14
N GLU A 134 18.67 7.73 10.22
CA GLU A 134 18.17 8.30 11.46
C GLU A 134 16.64 8.18 11.62
N ILE A 135 15.94 7.99 10.51
CA ILE A 135 14.51 7.68 10.60
C ILE A 135 14.25 6.18 10.47
N ASN A 136 15.31 5.41 10.27
CA ASN A 136 15.19 3.95 10.22
C ASN A 136 16.30 3.22 11.01
N LYS A 137 15.92 2.55 12.10
CA LYS A 137 16.90 1.95 12.99
C LYS A 137 17.45 0.64 12.45
N ARG A 138 16.56 -0.23 11.98
CA ARG A 138 16.85 -1.64 11.70
C ARG A 138 17.39 -1.98 10.28
N ILE A 139 17.81 -0.99 9.52
CA ILE A 139 18.41 -1.26 8.21
C ILE A 139 19.90 -0.98 8.14
N THR A 140 20.59 -1.73 7.29
CA THR A 140 22.03 -1.55 7.06
C THR A 140 22.32 -0.31 6.24
N GLU A 141 23.57 0.12 6.31
CA GLU A 141 24.04 1.24 5.51
C GLU A 141 23.87 1.04 4.00
N GLU A 142 24.14 -0.17 3.51
CA GLU A 142 23.93 -0.43 2.08
C GLU A 142 22.47 -0.31 1.68
N GLN A 143 21.57 -0.84 2.50
CA GLN A 143 20.16 -0.74 2.18
C GLN A 143 19.67 0.67 2.27
N ALA A 144 20.23 1.44 3.21
CA ALA A 144 19.91 2.87 3.28
C ALA A 144 20.29 3.54 1.97
N ARG A 145 21.49 3.24 1.45
CA ARG A 145 21.93 3.78 0.18
C ARG A 145 20.96 3.43 -0.92
N LYS A 146 20.71 2.14 -1.10
CA LYS A 146 19.80 1.65 -2.12
C LYS A 146 18.43 2.35 -2.03
N ALA A 147 18.01 2.65 -0.81
CA ALA A 147 16.69 3.28 -0.55
C ALA A 147 16.64 4.79 -0.79
N PHE A 148 17.72 5.50 -0.46
CA PHE A 148 17.78 6.94 -0.74
C PHE A 148 17.73 7.17 -2.25
N ASP A 149 18.49 6.38 -3.00
CA ASP A 149 18.51 6.51 -4.45
C ASP A 149 17.14 6.16 -4.97
N ARG A 150 16.50 5.23 -4.30
CA ARG A 150 15.18 4.79 -4.70
C ARG A 150 14.14 5.91 -4.61
N ALA A 151 14.12 6.57 -3.45
CA ALA A 151 13.18 7.67 -3.20
C ALA A 151 13.42 8.86 -4.12
N THR A 152 14.68 9.03 -4.52
CA THR A 152 15.01 10.08 -5.45
C THR A 152 14.38 9.81 -6.81
N LYS A 153 14.59 8.61 -7.34
CA LYS A 153 14.05 8.26 -8.65
C LYS A 153 12.52 8.36 -8.57
N LEU A 154 11.97 7.96 -7.43
CA LEU A 154 10.53 8.02 -7.21
C LEU A 154 9.99 9.44 -7.25
N GLU A 155 10.67 10.35 -6.58
CA GLU A 155 10.21 11.73 -6.57
C GLU A 155 10.34 12.36 -7.95
N GLN A 156 11.44 12.15 -8.63
CA GLN A 156 11.61 12.66 -9.98
C GLN A 156 10.42 12.30 -10.87
N GLU A 157 10.03 11.02 -10.84
CA GLU A 157 9.00 10.53 -11.75
C GLU A 157 7.58 10.85 -11.30
N PHE A 158 7.33 10.56 -10.04
CA PHE A 158 5.98 10.60 -9.49
C PHE A 158 5.58 11.84 -8.70
N THR A 159 6.44 12.86 -8.72
CA THR A 159 6.23 14.02 -7.89
C THR A 159 4.83 14.63 -8.03
N GLU A 160 4.28 14.62 -9.24
CA GLU A 160 2.99 15.24 -9.50
C GLU A 160 1.83 14.47 -8.90
N CYS A 161 2.09 13.22 -8.51
CA CYS A 161 1.07 12.36 -7.94
C CYS A 161 0.90 12.52 -6.42
N PHE A 162 1.89 13.12 -5.76
CA PHE A 162 1.88 13.15 -4.31
C PHE A 162 0.88 14.17 -3.79
N SER A 163 -0.07 13.69 -2.99
CA SER A 163 -0.96 14.57 -2.27
C SER A 163 -0.14 15.39 -1.26
N ALA A 164 0.88 14.77 -0.70
CA ALA A 164 1.74 15.45 0.26
C ALA A 164 3.11 14.80 0.41
N ILE A 165 4.07 15.59 0.89
CA ILE A 165 5.43 15.15 1.14
C ILE A 165 5.83 15.52 2.57
N VAL A 166 6.31 14.52 3.31
CA VAL A 166 6.76 14.72 4.70
C VAL A 166 8.26 14.46 4.84
N GLU A 167 8.87 15.12 5.82
CA GLU A 167 10.26 14.88 6.20
C GLU A 167 10.34 14.81 7.72
N GLY A 168 11.46 14.32 8.25
CA GLY A 168 11.66 14.30 9.68
C GLY A 168 12.99 13.74 10.16
N ASP A 169 13.36 14.08 11.39
CA ASP A 169 14.56 13.53 12.01
C ASP A 169 14.31 12.16 12.59
N SER A 170 13.13 11.96 13.16
CA SER A 170 12.76 10.67 13.75
C SER A 170 11.50 10.16 13.09
N PHE A 171 11.36 8.83 13.00
CA PHE A 171 10.12 8.23 12.51
C PHE A 171 8.91 8.75 13.30
N GLU A 172 9.08 8.89 14.62
CA GLU A 172 7.99 9.35 15.47
C GLU A 172 7.47 10.70 14.99
N GLU A 173 8.39 11.61 14.69
CA GLU A 173 8.04 12.92 14.15
C GLU A 173 7.23 12.76 12.87
N ILE A 174 7.67 11.81 12.05
CA ILE A 174 7.06 11.59 10.75
C ILE A 174 5.68 10.97 10.86
N TYR A 175 5.54 9.97 11.73
CA TYR A 175 4.22 9.36 12.00
C TYR A 175 3.23 10.46 12.41
N HIS A 176 3.68 11.33 13.31
CA HIS A 176 2.88 12.47 13.70
C HIS A 176 2.45 13.28 12.49
N LYS A 177 3.40 13.52 11.58
CA LYS A 177 3.14 14.35 10.40
C LYS A 177 2.17 13.65 9.47
N VAL A 178 2.37 12.35 9.28
CA VAL A 178 1.50 11.56 8.42
C VAL A 178 0.12 11.55 8.98
N LYS A 179 0.04 11.37 10.30
CA LYS A 179 -1.23 11.51 10.99
C LYS A 179 -1.95 12.85 10.66
N ARG A 180 -1.27 13.99 10.82
CA ARG A 180 -1.90 15.30 10.59
C ARG A 180 -2.46 15.35 9.21
N VAL A 181 -1.62 15.02 8.23
CA VAL A 181 -2.01 15.14 6.83
C VAL A 181 -3.32 14.40 6.57
N ILE A 182 -3.37 13.14 6.97
CA ILE A 182 -4.62 12.39 6.92
C ILE A 182 -5.84 13.05 7.61
N GLU A 183 -5.67 13.62 8.81
CA GLU A 183 -6.78 14.29 9.49
C GLU A 183 -7.25 15.44 8.62
N ASP A 184 -6.28 16.21 8.11
CA ASP A 184 -6.53 17.36 7.26
C ASP A 184 -7.33 17.04 5.99
N LEU A 185 -7.32 15.79 5.55
CA LEU A 185 -8.05 15.46 4.35
C LEU A 185 -9.18 14.49 4.69
N SER A 186 -10.42 14.98 4.73
CA SER A 186 -11.54 14.19 5.21
C SER A 186 -12.88 14.93 5.05
N LYS B 2 -6.30 -14.46 13.83
CA LYS B 2 -7.27 -15.36 13.21
C LYS B 2 -7.40 -15.02 11.73
N LYS B 3 -7.35 -13.72 11.42
CA LYS B 3 -7.33 -13.28 10.04
C LYS B 3 -5.96 -13.67 9.50
N SER B 4 -5.90 -14.06 8.23
CA SER B 4 -4.65 -14.48 7.63
C SER B 4 -3.61 -13.36 7.64
N LEU B 5 -2.33 -13.73 7.70
CA LEU B 5 -1.27 -12.74 7.59
C LEU B 5 -0.93 -12.39 6.13
N ARG B 6 -1.55 -13.09 5.18
CA ARG B 6 -1.30 -12.84 3.76
C ARG B 6 0.17 -12.65 3.41
N GLN B 7 1.04 -13.55 3.85
CA GLN B 7 2.47 -13.36 3.62
C GLN B 7 2.85 -13.39 2.16
N SEP B 8 2.14 -14.20 1.38
CA SEP B 8 2.39 -14.31 -0.06
CB SEP B 8 1.34 -15.19 -0.71
OG SEP B 8 1.54 -16.54 -0.38
C SEP B 8 2.26 -12.93 -0.67
O SEP B 8 3.05 -12.48 -1.50
P SEP B 8 0.28 -17.04 0.51
O1P SEP B 8 -0.88 -17.48 -0.51
O2P SEP B 8 -0.27 -15.82 1.41
O3P SEP B 8 0.77 -18.28 1.42
N PHE B 9 1.21 -12.25 -0.25
CA PHE B 9 0.87 -10.99 -0.84
C PHE B 9 1.93 -9.93 -0.53
N ARG B 10 2.32 -9.80 0.73
CA ARG B 10 3.35 -8.82 1.06
C ARG B 10 4.63 -9.21 0.36
N ARG B 11 4.84 -10.50 0.20
CA ARG B 11 6.08 -10.98 -0.36
C ARG B 11 6.15 -10.71 -1.84
N MET B 12 4.99 -10.58 -2.47
CA MET B 12 4.92 -10.42 -3.91
C MET B 12 5.72 -9.21 -4.42
N ARG B 13 6.46 -9.42 -5.52
CA ARG B 13 7.32 -8.38 -6.11
C ARG B 13 6.46 -7.32 -6.79
S SO4 C . -0.38 -24.30 -0.62
O1 SO4 C . -0.39 -24.64 0.81
O2 SO4 C . -1.73 -23.89 -1.03
O3 SO4 C . 0.01 -25.50 -1.36
O4 SO4 C . 0.60 -23.25 -0.90
S SO4 D . 7.33 -17.00 -9.02
O1 SO4 D . 5.97 -16.92 -9.54
O2 SO4 D . 7.32 -16.80 -7.58
O3 SO4 D . 7.87 -18.31 -9.40
O4 SO4 D . 8.15 -15.94 -9.61
S SO4 E . -5.43 15.29 -4.17
O1 SO4 E . -6.69 15.67 -4.77
O2 SO4 E . -5.53 15.31 -2.71
O3 SO4 E . -5.08 13.94 -4.60
O4 SO4 E . -4.38 16.21 -4.59
S SO4 F . 9.95 0.24 4.41
O1 SO4 F . 8.85 0.33 5.38
O2 SO4 F . 10.38 -1.16 4.30
O3 SO4 F . 11.05 1.07 4.92
O4 SO4 F . 9.53 0.67 3.07
#